data_8IX7
#
_entry.id   8IX7
#
_cell.length_a   55.960
_cell.length_b   48.120
_cell.length_c   80.340
_cell.angle_alpha   90.000
_cell.angle_beta   102.330
_cell.angle_gamma   90.000
#
_symmetry.space_group_name_H-M   'P 1 21 1'
#
loop_
_entity.id
_entity.type
_entity.pdbx_description
1 polymer 'glutathione transferase'
2 non-polymer GLUTATHIONE
3 water water
#
_entity_poly.entity_id   1
_entity_poly.type   'polypeptide(L)'
_entity_poly.pdbx_seq_one_letter_code
;AAPVTVYGPMISPAVARVAACLLEKDVPFQVEPVDMSKGEHKSPSFLKLQPFGQVPAFKDSLTTVFESRAICRYICDQYA
DSGNKTLMGRKEDGVVGRAAIEKWIEAEGQSFNPPSLAMAFQLAFAPFMGRATDMAVVEQNEAKLVKVLDVYEQWLGENQ
YFAGDEFSLADLVHMPNTDLLVRKTNKAGLFTERKNLARWWDEVSARPSWKKVVELQNVPR
;
_entity_poly.pdbx_strand_id   A,B
#
# COMPACT_ATOMS: atom_id res chain seq x y z
N VAL A 4 -8.53 -20.23 -13.00
CA VAL A 4 -7.77 -19.07 -12.43
C VAL A 4 -6.41 -18.97 -13.11
N THR A 5 -6.13 -17.81 -13.69
CA THR A 5 -4.87 -17.58 -14.39
C THR A 5 -4.05 -16.43 -13.81
N VAL A 6 -2.77 -16.69 -13.58
CA VAL A 6 -1.85 -15.67 -13.08
C VAL A 6 -0.87 -15.41 -14.22
N TYR A 7 -0.74 -14.15 -14.64
CA TYR A 7 0.18 -13.81 -15.73
C TYR A 7 1.49 -13.23 -15.24
N GLY A 8 2.61 -13.83 -15.67
CA GLY A 8 3.91 -13.32 -15.27
C GLY A 8 4.89 -14.41 -14.87
N PRO A 9 6.17 -14.04 -14.66
CA PRO A 9 7.23 -14.97 -14.28
C PRO A 9 7.25 -15.19 -12.76
N MET A 10 7.37 -16.45 -12.35
CA MET A 10 7.38 -16.76 -10.93
C MET A 10 8.53 -16.12 -10.15
N ILE A 11 9.60 -15.75 -10.85
CA ILE A 11 10.74 -15.12 -10.19
C ILE A 11 10.42 -13.71 -9.70
N SER A 12 9.42 -13.09 -10.31
CA SER A 12 9.00 -11.76 -9.89
C SER A 12 8.38 -11.90 -8.50
N PRO A 13 8.83 -11.11 -7.53
CA PRO A 13 8.24 -11.25 -6.19
C PRO A 13 6.74 -10.94 -6.14
N ALA A 14 6.27 -10.06 -7.01
CA ALA A 14 4.85 -9.71 -7.04
C ALA A 14 4.04 -10.92 -7.51
N VAL A 15 4.56 -11.66 -8.48
CA VAL A 15 3.89 -12.85 -9.00
C VAL A 15 3.96 -13.95 -7.95
N ALA A 16 5.11 -14.08 -7.29
CA ALA A 16 5.29 -15.08 -6.25
C ALA A 16 4.31 -14.86 -5.10
N ARG A 17 4.04 -13.59 -4.80
CA ARG A 17 3.13 -13.22 -3.72
C ARG A 17 1.73 -13.75 -4.01
N VAL A 18 1.27 -13.57 -5.25
CA VAL A 18 -0.05 -14.03 -5.65
C VAL A 18 -0.11 -15.55 -5.64
N ALA A 19 0.93 -16.19 -6.17
CA ALA A 19 0.98 -17.66 -6.21
C ALA A 19 0.92 -18.24 -4.80
N ALA A 20 1.67 -17.67 -3.88
CA ALA A 20 1.69 -18.15 -2.49
C ALA A 20 0.29 -18.04 -1.89
N CYS A 21 -0.41 -16.95 -2.20
CA CYS A 21 -1.75 -16.75 -1.68
C CYS A 21 -2.69 -17.82 -2.23
N LEU A 22 -2.62 -18.07 -3.53
CA LEU A 22 -3.47 -19.07 -4.16
C LEU A 22 -3.20 -20.45 -3.58
N LEU A 23 -1.92 -20.75 -3.33
CA LEU A 23 -1.57 -22.04 -2.76
C LEU A 23 -2.10 -22.20 -1.34
N GLU A 24 -1.99 -21.15 -0.52
CA GLU A 24 -2.50 -21.21 0.85
C GLU A 24 -4.02 -21.37 0.85
N LYS A 25 -4.68 -20.78 -0.14
CA LYS A 25 -6.13 -20.84 -0.25
C LYS A 25 -6.61 -22.07 -1.01
N ASP A 26 -5.65 -22.91 -1.41
CA ASP A 26 -5.95 -24.13 -2.14
C ASP A 26 -6.81 -23.90 -3.38
N VAL A 27 -6.51 -22.83 -4.10
CA VAL A 27 -7.24 -22.48 -5.32
C VAL A 27 -6.40 -22.89 -6.52
N PRO A 28 -6.89 -23.85 -7.32
CA PRO A 28 -6.16 -24.32 -8.51
C PRO A 28 -5.90 -23.17 -9.48
N PHE A 29 -4.70 -23.13 -10.05
CA PHE A 29 -4.37 -22.05 -10.98
C PHE A 29 -3.25 -22.44 -11.95
N GLN A 30 -3.15 -21.69 -13.03
CA GLN A 30 -2.11 -21.91 -14.02
C GLN A 30 -1.36 -20.59 -14.20
N VAL A 31 -0.08 -20.67 -14.52
CA VAL A 31 0.74 -19.49 -14.71
C VAL A 31 0.99 -19.29 -16.21
N GLU A 32 0.61 -18.11 -16.71
CA GLU A 32 0.79 -17.80 -18.11
C GLU A 32 1.97 -16.84 -18.28
N PRO A 33 2.98 -17.25 -19.06
CA PRO A 33 4.17 -16.43 -19.30
C PRO A 33 3.86 -15.12 -20.02
N VAL A 34 4.63 -14.08 -19.69
CA VAL A 34 4.47 -12.78 -20.33
C VAL A 34 5.85 -12.36 -20.84
N ASP A 35 6.06 -12.57 -22.13
CA ASP A 35 7.34 -12.24 -22.77
C ASP A 35 7.49 -10.75 -23.02
N MET A 36 8.17 -10.05 -22.11
CA MET A 36 8.38 -8.61 -22.23
C MET A 36 9.37 -8.24 -23.35
N SER A 37 10.22 -9.18 -23.74
CA SER A 37 11.18 -8.90 -24.80
C SER A 37 10.42 -8.78 -26.11
N LYS A 38 9.21 -9.34 -26.13
CA LYS A 38 8.35 -9.31 -27.31
C LYS A 38 7.27 -8.25 -27.11
N GLY A 39 7.38 -7.48 -26.04
CA GLY A 39 6.41 -6.44 -25.74
C GLY A 39 5.02 -6.98 -25.49
N GLU A 40 4.94 -8.19 -24.95
CA GLU A 40 3.66 -8.83 -24.66
C GLU A 40 2.95 -8.17 -23.50
N HIS A 41 3.67 -7.35 -22.74
CA HIS A 41 3.09 -6.65 -21.60
C HIS A 41 2.50 -5.31 -22.04
N LYS A 42 2.71 -4.97 -23.31
CA LYS A 42 2.21 -3.71 -23.85
C LYS A 42 1.14 -3.89 -24.91
N SER A 43 0.67 -5.13 -25.05
CA SER A 43 -0.38 -5.41 -26.02
C SER A 43 -1.71 -4.92 -25.46
N PRO A 44 -2.63 -4.49 -26.33
CA PRO A 44 -3.92 -3.99 -25.86
C PRO A 44 -4.62 -5.03 -24.98
N SER A 45 -4.40 -6.31 -25.28
CA SER A 45 -5.02 -7.39 -24.53
C SER A 45 -4.48 -7.48 -23.09
N PHE A 46 -3.17 -7.37 -22.94
CA PHE A 46 -2.59 -7.43 -21.60
C PHE A 46 -2.93 -6.15 -20.84
N LEU A 47 -2.94 -5.04 -21.56
CA LEU A 47 -3.24 -3.75 -20.95
C LEU A 47 -4.68 -3.70 -20.43
N LYS A 48 -5.54 -4.53 -20.99
CA LYS A 48 -6.93 -4.56 -20.56
C LYS A 48 -6.98 -5.22 -19.18
N LEU A 49 -6.03 -6.11 -18.92
CA LEU A 49 -5.94 -6.81 -17.64
C LEU A 49 -5.08 -6.04 -16.64
N GLN A 50 -4.03 -5.39 -17.15
CA GLN A 50 -3.10 -4.65 -16.30
C GLN A 50 -2.80 -3.32 -16.98
N PRO A 51 -3.53 -2.26 -16.60
CA PRO A 51 -3.37 -0.91 -17.18
C PRO A 51 -1.95 -0.33 -17.14
N PHE A 52 -1.11 -0.81 -16.23
CA PHE A 52 0.26 -0.31 -16.10
C PHE A 52 1.27 -1.11 -16.90
N GLY A 53 0.81 -2.19 -17.53
CA GLY A 53 1.71 -3.02 -18.31
C GLY A 53 2.74 -3.68 -17.43
N GLN A 54 2.35 -4.04 -16.22
CA GLN A 54 3.25 -4.69 -15.26
C GLN A 54 2.66 -6.04 -14.87
N VAL A 55 3.45 -6.87 -14.20
CA VAL A 55 2.98 -8.17 -13.77
C VAL A 55 2.94 -8.18 -12.24
N PRO A 56 2.11 -9.05 -11.65
CA PRO A 56 1.24 -9.99 -12.35
C PRO A 56 -0.12 -9.45 -12.77
N ALA A 57 -0.78 -10.21 -13.65
CA ALA A 57 -2.13 -9.92 -14.11
C ALA A 57 -2.88 -11.11 -13.52
N PHE A 58 -4.17 -10.95 -13.23
CA PHE A 58 -4.96 -12.03 -12.63
C PHE A 58 -6.37 -12.08 -13.21
N LYS A 59 -6.85 -13.30 -13.46
CA LYS A 59 -8.18 -13.47 -14.00
C LYS A 59 -8.80 -14.78 -13.56
N ASP A 60 -10.08 -14.74 -13.20
CA ASP A 60 -10.82 -15.94 -12.82
C ASP A 60 -12.17 -15.87 -13.54
N SER A 61 -13.08 -16.79 -13.23
CA SER A 61 -14.38 -16.80 -13.91
C SER A 61 -15.32 -15.65 -13.54
N LEU A 62 -14.96 -14.86 -12.55
CA LEU A 62 -15.81 -13.76 -12.13
C LEU A 62 -15.33 -12.36 -12.50
N THR A 63 -14.02 -12.16 -12.51
CA THR A 63 -13.49 -10.84 -12.81
C THR A 63 -11.99 -10.87 -13.06
N THR A 64 -11.40 -9.68 -13.18
CA THR A 64 -9.96 -9.55 -13.36
C THR A 64 -9.52 -8.49 -12.35
N VAL A 65 -8.32 -8.66 -11.81
CA VAL A 65 -7.80 -7.71 -10.83
C VAL A 65 -6.31 -7.52 -11.06
N PHE A 66 -5.78 -6.33 -10.74
CA PHE A 66 -4.34 -6.10 -10.87
C PHE A 66 -3.78 -5.57 -9.55
N GLU A 67 -2.46 -5.61 -9.43
CA GLU A 67 -1.71 -5.20 -8.21
C GLU A 67 -1.76 -6.38 -7.24
N SER A 68 -0.60 -6.99 -6.99
CA SER A 68 -0.48 -8.16 -6.14
C SER A 68 -1.24 -8.17 -4.81
N ARG A 69 -1.16 -7.08 -4.04
CA ARG A 69 -1.84 -7.05 -2.77
C ARG A 69 -3.36 -6.96 -2.90
N ALA A 70 -3.84 -6.34 -3.98
CA ALA A 70 -5.27 -6.24 -4.21
C ALA A 70 -5.77 -7.62 -4.65
N ILE A 71 -4.97 -8.29 -5.48
CA ILE A 71 -5.31 -9.62 -5.95
C ILE A 71 -5.40 -10.57 -4.76
N CYS A 72 -4.44 -10.46 -3.84
CA CYS A 72 -4.43 -11.31 -2.65
C CYS A 72 -5.67 -11.08 -1.79
N ARG A 73 -6.03 -9.82 -1.56
CA ARG A 73 -7.22 -9.53 -0.76
C ARG A 73 -8.47 -10.11 -1.43
N TYR A 74 -8.53 -10.02 -2.75
CA TYR A 74 -9.68 -10.55 -3.50
C TYR A 74 -9.78 -12.07 -3.30
N ILE A 75 -8.64 -12.75 -3.47
CA ILE A 75 -8.60 -14.20 -3.33
C ILE A 75 -9.07 -14.63 -1.94
N CYS A 76 -8.61 -13.93 -0.92
CA CYS A 76 -8.97 -14.26 0.45
C CYS A 76 -10.45 -14.04 0.75
N ASP A 77 -11.07 -13.07 0.07
CA ASP A 77 -12.48 -12.81 0.29
C ASP A 77 -13.39 -13.67 -0.57
N GLN A 78 -13.01 -13.85 -1.84
CA GLN A 78 -13.79 -14.64 -2.79
C GLN A 78 -13.76 -16.14 -2.50
N TYR A 79 -12.62 -16.65 -2.03
CA TYR A 79 -12.47 -18.07 -1.75
C TYR A 79 -12.23 -18.29 -0.25
N ALA A 80 -12.89 -17.49 0.56
CA ALA A 80 -12.75 -17.55 2.01
C ALA A 80 -12.84 -18.94 2.63
N ASP A 81 -13.69 -19.80 2.08
CA ASP A 81 -13.86 -21.14 2.62
C ASP A 81 -12.90 -22.21 2.08
N SER A 82 -11.99 -21.81 1.21
CA SER A 82 -11.04 -22.77 0.64
C SER A 82 -9.69 -22.75 1.37
N GLY A 83 -9.00 -23.89 1.35
CA GLY A 83 -7.70 -24.02 1.98
C GLY A 83 -7.62 -23.44 3.39
N ASN A 84 -6.62 -22.58 3.60
CA ASN A 84 -6.40 -21.94 4.89
C ASN A 84 -7.53 -20.93 5.10
N LYS A 85 -8.51 -21.29 5.93
CA LYS A 85 -9.65 -20.42 6.18
C LYS A 85 -9.37 -19.21 7.06
N THR A 86 -8.22 -19.19 7.73
CA THR A 86 -7.90 -18.08 8.62
C THR A 86 -6.82 -17.13 8.09
N LEU A 87 -6.49 -17.25 6.81
CA LEU A 87 -5.46 -16.39 6.22
C LEU A 87 -5.70 -14.91 6.44
N MET A 88 -6.96 -14.50 6.49
CA MET A 88 -7.27 -13.08 6.73
C MET A 88 -8.02 -12.90 8.03
N GLY A 89 -7.72 -13.77 8.99
CA GLY A 89 -8.35 -13.69 10.30
C GLY A 89 -9.56 -14.59 10.50
N ARG A 90 -10.04 -14.63 11.74
CA ARG A 90 -11.20 -15.43 12.10
C ARG A 90 -12.43 -14.53 12.21
N LYS A 91 -13.56 -15.00 11.72
CA LYS A 91 -14.80 -14.21 11.78
C LYS A 91 -15.06 -13.74 13.20
N GLU A 92 -14.82 -14.62 14.17
CA GLU A 92 -15.06 -14.30 15.57
C GLU A 92 -14.30 -13.06 16.08
N ASP A 93 -13.15 -12.78 15.48
CA ASP A 93 -12.36 -11.62 15.90
C ASP A 93 -12.83 -10.32 15.24
N GLY A 94 -13.78 -10.43 14.33
CA GLY A 94 -14.34 -9.27 13.67
C GLY A 94 -13.41 -8.37 12.88
N VAL A 95 -13.85 -7.13 12.67
CA VAL A 95 -13.08 -6.14 11.94
C VAL A 95 -11.81 -5.78 12.68
N VAL A 96 -11.85 -5.86 14.00
CA VAL A 96 -10.68 -5.56 14.82
C VAL A 96 -9.58 -6.58 14.50
N GLY A 97 -9.99 -7.83 14.31
CA GLY A 97 -9.05 -8.89 13.99
C GLY A 97 -8.47 -8.68 12.60
N ARG A 98 -9.29 -8.12 11.70
CA ARG A 98 -8.84 -7.85 10.34
C ARG A 98 -7.80 -6.72 10.36
N ALA A 99 -8.03 -5.73 11.21
CA ALA A 99 -7.12 -4.60 11.30
C ALA A 99 -5.75 -5.02 11.81
N ALA A 100 -5.72 -6.02 12.69
CA ALA A 100 -4.48 -6.52 13.27
C ALA A 100 -3.58 -7.10 12.18
N ILE A 101 -4.19 -7.48 11.06
CA ILE A 101 -3.45 -8.03 9.92
C ILE A 101 -3.16 -6.93 8.92
N GLU A 102 -4.19 -6.14 8.59
CA GLU A 102 -4.05 -5.05 7.63
C GLU A 102 -2.91 -4.08 7.92
N LYS A 103 -2.70 -3.72 9.18
CA LYS A 103 -1.64 -2.76 9.49
C LYS A 103 -0.26 -3.26 9.11
N TRP A 104 -0.02 -4.57 9.21
CA TRP A 104 1.28 -5.13 8.85
C TRP A 104 1.37 -5.40 7.34
N ILE A 105 0.25 -5.56 6.67
CA ILE A 105 0.27 -5.73 5.22
C ILE A 105 0.69 -4.37 4.68
N GLU A 106 0.16 -3.31 5.29
CA GLU A 106 0.52 -1.96 4.86
C GLU A 106 1.98 -1.67 5.19
N ALA A 107 2.47 -2.18 6.32
CA ALA A 107 3.86 -1.98 6.69
C ALA A 107 4.73 -2.58 5.59
N GLU A 108 4.34 -3.76 5.11
CA GLU A 108 5.09 -4.44 4.06
C GLU A 108 5.12 -3.61 2.77
N GLY A 109 3.96 -3.15 2.33
CA GLY A 109 3.90 -2.40 1.10
C GLY A 109 4.48 -1.00 1.12
N GLN A 110 4.45 -0.35 2.28
CA GLN A 110 4.95 1.01 2.39
C GLN A 110 6.34 1.19 2.98
N SER A 111 6.70 0.36 3.94
CA SER A 111 8.00 0.50 4.59
C SER A 111 9.02 -0.59 4.23
N PHE A 112 8.60 -1.84 4.24
CA PHE A 112 9.50 -2.96 3.95
C PHE A 112 9.84 -3.14 2.47
N ASN A 113 8.84 -3.06 1.62
CA ASN A 113 9.03 -3.28 0.19
C ASN A 113 9.99 -2.39 -0.60
N PRO A 114 9.84 -1.06 -0.49
CA PRO A 114 10.75 -0.20 -1.25
C PRO A 114 12.25 -0.46 -1.08
N PRO A 115 12.76 -0.38 0.16
CA PRO A 115 14.21 -0.62 0.31
C PRO A 115 14.65 -2.05 0.01
N SER A 116 13.85 -3.04 0.39
CA SER A 116 14.24 -4.42 0.13
C SER A 116 14.22 -4.75 -1.35
N LEU A 117 13.27 -4.17 -2.10
CA LEU A 117 13.19 -4.44 -3.53
C LEU A 117 14.36 -3.75 -4.24
N ALA A 118 14.71 -2.55 -3.79
CA ALA A 118 15.81 -1.81 -4.39
C ALA A 118 17.11 -2.59 -4.24
N MET A 119 17.31 -3.18 -3.06
CA MET A 119 18.50 -3.95 -2.78
C MET A 119 18.54 -5.21 -3.64
N ALA A 120 17.44 -5.94 -3.66
CA ALA A 120 17.36 -7.16 -4.44
C ALA A 120 17.65 -6.90 -5.92
N PHE A 121 17.15 -5.80 -6.44
CA PHE A 121 17.39 -5.46 -7.84
C PHE A 121 18.87 -5.25 -8.14
N GLN A 122 19.50 -4.40 -7.34
CA GLN A 122 20.92 -4.10 -7.51
C GLN A 122 21.82 -5.32 -7.34
N LEU A 123 21.49 -6.16 -6.37
CA LEU A 123 22.30 -7.33 -6.06
C LEU A 123 22.01 -8.61 -6.84
N ALA A 124 20.75 -8.94 -7.04
CA ALA A 124 20.41 -10.18 -7.74
C ALA A 124 19.85 -10.07 -9.16
N PHE A 125 19.56 -8.86 -9.63
CA PHE A 125 19.01 -8.72 -10.97
C PHE A 125 19.82 -7.83 -11.91
N ALA A 126 20.25 -6.67 -11.42
CA ALA A 126 21.03 -5.75 -12.24
C ALA A 126 22.16 -6.45 -12.98
N PRO A 127 22.96 -7.28 -12.28
CA PRO A 127 24.07 -8.01 -12.92
C PRO A 127 23.64 -8.80 -14.14
N PHE A 128 22.64 -9.66 -13.96
CA PHE A 128 22.14 -10.50 -15.06
C PHE A 128 21.53 -9.68 -16.19
N MET A 129 21.49 -8.36 -16.00
CA MET A 129 20.96 -7.46 -17.02
C MET A 129 22.09 -6.66 -17.64
N GLY A 130 23.31 -7.09 -17.39
CA GLY A 130 24.47 -6.42 -17.94
C GLY A 130 24.82 -5.11 -17.24
N ARG A 131 24.15 -4.84 -16.12
CA ARG A 131 24.39 -3.62 -15.37
C ARG A 131 25.21 -3.90 -14.11
N ALA A 132 26.00 -2.92 -13.70
CA ALA A 132 26.82 -3.06 -12.50
C ALA A 132 26.03 -2.71 -11.26
N THR A 133 26.30 -3.43 -10.17
CA THR A 133 25.62 -3.20 -8.91
C THR A 133 26.04 -1.85 -8.33
N ASP A 134 25.05 -1.01 -8.01
CA ASP A 134 25.35 0.29 -7.43
C ASP A 134 25.34 0.11 -5.92
N MET A 135 26.52 -0.06 -5.34
CA MET A 135 26.62 -0.27 -3.90
C MET A 135 26.18 0.92 -3.05
N ALA A 136 26.14 2.10 -3.63
CA ALA A 136 25.71 3.28 -2.90
C ALA A 136 24.20 3.16 -2.65
N VAL A 137 23.49 2.76 -3.69
CA VAL A 137 22.04 2.58 -3.60
C VAL A 137 21.74 1.42 -2.65
N VAL A 138 22.54 0.36 -2.75
CA VAL A 138 22.35 -0.80 -1.88
C VAL A 138 22.48 -0.38 -0.42
N GLU A 139 23.56 0.33 -0.08
CA GLU A 139 23.78 0.76 1.31
C GLU A 139 22.75 1.77 1.78
N GLN A 140 22.36 2.68 0.91
CA GLN A 140 21.36 3.69 1.27
C GLN A 140 20.06 3.00 1.65
N ASN A 141 19.66 2.04 0.85
CA ASN A 141 18.44 1.30 1.11
C ASN A 141 18.56 0.33 2.28
N GLU A 142 19.77 -0.21 2.49
CA GLU A 142 19.99 -1.12 3.60
C GLU A 142 19.72 -0.37 4.91
N ALA A 143 20.13 0.90 4.97
CA ALA A 143 19.93 1.70 6.17
C ALA A 143 18.45 1.86 6.47
N LYS A 144 17.65 2.11 5.43
CA LYS A 144 16.21 2.28 5.61
C LYS A 144 15.58 0.96 6.03
N LEU A 145 16.04 -0.14 5.43
CA LEU A 145 15.52 -1.45 5.76
C LEU A 145 15.83 -1.87 7.19
N VAL A 146 17.05 -1.56 7.65
CA VAL A 146 17.44 -1.89 9.02
C VAL A 146 16.47 -1.26 10.01
N LYS A 147 16.06 -0.02 9.74
CA LYS A 147 15.13 0.66 10.62
C LYS A 147 13.83 -0.14 10.72
N VAL A 148 13.37 -0.64 9.58
CA VAL A 148 12.15 -1.43 9.54
C VAL A 148 12.35 -2.76 10.25
N LEU A 149 13.45 -3.43 9.97
CA LEU A 149 13.70 -4.72 10.60
C LEU A 149 13.82 -4.63 12.13
N ASP A 150 14.33 -3.50 12.63
CA ASP A 150 14.45 -3.36 14.08
C ASP A 150 13.07 -3.25 14.71
N VAL A 151 12.12 -2.65 14.00
CA VAL A 151 10.75 -2.55 14.51
C VAL A 151 10.14 -3.96 14.51
N TYR A 152 10.37 -4.69 13.42
CA TYR A 152 9.85 -6.05 13.29
C TYR A 152 10.45 -6.97 14.34
N GLU A 153 11.75 -6.82 14.59
CA GLU A 153 12.44 -7.66 15.56
C GLU A 153 11.81 -7.51 16.95
N GLN A 154 11.48 -6.29 17.34
CA GLN A 154 10.86 -6.07 18.65
C GLN A 154 9.46 -6.68 18.68
N TRP A 155 8.70 -6.46 17.61
CA TRP A 155 7.34 -6.98 17.52
C TRP A 155 7.28 -8.51 17.55
N LEU A 156 8.15 -9.16 16.80
CA LEU A 156 8.18 -10.62 16.73
C LEU A 156 8.76 -11.27 17.99
N GLY A 157 9.18 -10.43 18.94
CA GLY A 157 9.71 -10.95 20.18
C GLY A 157 8.54 -11.21 21.10
N GLU A 158 7.40 -10.59 20.80
CA GLU A 158 6.19 -10.75 21.60
C GLU A 158 5.07 -11.43 20.82
N ASN A 159 5.29 -11.63 19.52
CA ASN A 159 4.30 -12.25 18.67
C ASN A 159 4.95 -13.30 17.77
N GLN A 160 4.36 -14.49 17.71
CA GLN A 160 4.92 -15.54 16.87
C GLN A 160 4.87 -15.15 15.40
N TYR A 161 3.76 -14.54 15.01
CA TYR A 161 3.55 -14.09 13.64
C TYR A 161 3.18 -12.61 13.70
N PHE A 162 3.11 -11.95 12.55
CA PHE A 162 2.78 -10.53 12.54
C PHE A 162 1.45 -10.18 13.20
N ALA A 163 0.45 -11.03 13.01
CA ALA A 163 -0.88 -10.77 13.58
C ALA A 163 -1.08 -11.41 14.96
N GLY A 164 -0.06 -12.12 15.44
CA GLY A 164 -0.18 -12.74 16.74
C GLY A 164 0.22 -14.21 16.74
N ASP A 165 -0.65 -15.05 17.29
CA ASP A 165 -0.37 -16.47 17.38
C ASP A 165 -0.71 -17.29 16.14
N GLU A 166 -1.22 -16.64 15.10
CA GLU A 166 -1.56 -17.36 13.87
C GLU A 166 -1.04 -16.72 12.60
N PHE A 167 -0.60 -17.56 11.67
CA PHE A 167 -0.09 -17.13 10.37
C PHE A 167 -1.20 -16.40 9.63
N SER A 168 -0.84 -15.36 8.88
CA SER A 168 -1.84 -14.61 8.13
C SER A 168 -1.24 -14.00 6.87
N LEU A 169 -2.08 -13.31 6.10
CA LEU A 169 -1.64 -12.66 4.88
C LEU A 169 -0.53 -11.65 5.18
N ALA A 170 -0.50 -11.12 6.40
CA ALA A 170 0.52 -10.15 6.80
C ALA A 170 1.91 -10.80 6.72
N ASP A 171 1.98 -12.07 7.10
CA ASP A 171 3.25 -12.79 7.04
C ASP A 171 3.58 -13.08 5.58
N LEU A 172 2.59 -13.62 4.87
CA LEU A 172 2.75 -13.99 3.47
C LEU A 172 3.28 -12.90 2.54
N VAL A 173 2.75 -11.68 2.64
CA VAL A 173 3.21 -10.62 1.76
C VAL A 173 4.70 -10.27 1.92
N HIS A 174 5.27 -10.57 3.08
CA HIS A 174 6.68 -10.29 3.34
C HIS A 174 7.63 -11.37 2.81
N MET A 175 7.08 -12.54 2.53
CA MET A 175 7.92 -13.66 2.09
C MET A 175 8.68 -13.56 0.77
N PRO A 176 8.05 -13.04 -0.30
CA PRO A 176 8.80 -12.95 -1.56
C PRO A 176 10.12 -12.17 -1.48
N ASN A 177 10.08 -10.97 -0.90
CA ASN A 177 11.30 -10.17 -0.80
C ASN A 177 12.30 -10.72 0.21
N THR A 178 11.80 -11.33 1.28
CA THR A 178 12.67 -11.90 2.28
C THR A 178 13.44 -13.06 1.64
N ASP A 179 12.73 -13.90 0.89
CA ASP A 179 13.33 -15.04 0.21
C ASP A 179 14.42 -14.55 -0.75
N LEU A 180 14.14 -13.46 -1.47
CA LEU A 180 15.11 -12.90 -2.40
C LEU A 180 16.41 -12.50 -1.71
N LEU A 181 16.29 -11.71 -0.65
CA LEU A 181 17.47 -11.24 0.08
C LEU A 181 18.22 -12.37 0.78
N VAL A 182 17.49 -13.30 1.39
CA VAL A 182 18.11 -14.40 2.11
C VAL A 182 18.80 -15.43 1.23
N ARG A 183 18.16 -15.78 0.12
CA ARG A 183 18.70 -16.80 -0.79
C ARG A 183 19.40 -16.31 -2.07
N LYS A 184 19.16 -15.07 -2.46
CA LYS A 184 19.75 -14.57 -3.70
C LYS A 184 20.72 -13.39 -3.56
N THR A 185 21.03 -12.98 -2.34
CA THR A 185 21.95 -11.86 -2.13
C THR A 185 22.88 -12.15 -0.96
N ASN A 186 23.81 -11.24 -0.71
CA ASN A 186 24.73 -11.38 0.40
C ASN A 186 24.21 -10.64 1.64
N LYS A 187 22.91 -10.36 1.66
CA LYS A 187 22.29 -9.63 2.77
C LYS A 187 21.43 -10.48 3.72
N ALA A 188 21.56 -11.80 3.65
CA ALA A 188 20.78 -12.69 4.51
C ALA A 188 20.99 -12.36 5.99
N GLY A 189 22.19 -11.89 6.31
CA GLY A 189 22.51 -11.55 7.69
C GLY A 189 21.54 -10.60 8.36
N LEU A 190 20.92 -9.73 7.58
CA LEU A 190 19.97 -8.76 8.13
C LEU A 190 18.84 -9.48 8.86
N PHE A 191 18.56 -10.71 8.43
CA PHE A 191 17.49 -11.49 9.03
C PHE A 191 18.01 -12.51 10.04
N THR A 192 19.05 -13.24 9.66
CA THR A 192 19.61 -14.26 10.54
C THR A 192 20.27 -13.75 11.81
N GLU A 193 20.74 -12.51 11.81
CA GLU A 193 21.38 -11.95 13.00
C GLU A 193 20.37 -11.48 14.04
N ARG A 194 19.13 -11.29 13.62
CA ARG A 194 18.07 -10.86 14.52
C ARG A 194 17.27 -12.13 14.85
N LYS A 195 17.49 -12.65 16.06
CA LYS A 195 16.87 -13.90 16.50
C LYS A 195 15.37 -14.08 16.26
N ASN A 196 14.57 -13.04 16.53
CA ASN A 196 13.13 -13.18 16.32
C ASN A 196 12.75 -13.23 14.84
N LEU A 197 13.43 -12.44 14.03
CA LEU A 197 13.16 -12.43 12.59
C LEU A 197 13.65 -13.74 12.00
N ALA A 198 14.76 -14.26 12.53
CA ALA A 198 15.31 -15.52 12.05
C ALA A 198 14.33 -16.64 12.33
N ARG A 199 13.78 -16.65 13.54
CA ARG A 199 12.80 -17.68 13.95
C ARG A 199 11.60 -17.63 13.01
N TRP A 200 11.08 -16.42 12.82
CA TRP A 200 9.93 -16.19 11.96
C TRP A 200 10.20 -16.73 10.55
N TRP A 201 11.32 -16.33 9.96
CA TRP A 201 11.64 -16.78 8.61
C TRP A 201 11.76 -18.28 8.49
N ASP A 202 12.46 -18.91 9.44
CA ASP A 202 12.63 -20.35 9.41
C ASP A 202 11.29 -21.06 9.48
N GLU A 203 10.35 -20.47 10.22
CA GLU A 203 9.03 -21.07 10.36
C GLU A 203 8.15 -20.91 9.13
N VAL A 204 7.97 -19.69 8.64
CA VAL A 204 7.11 -19.48 7.49
C VAL A 204 7.66 -20.05 6.18
N SER A 205 8.97 -20.01 5.99
CA SER A 205 9.57 -20.53 4.76
C SER A 205 9.45 -22.04 4.65
N ALA A 206 9.12 -22.69 5.77
CA ALA A 206 8.98 -24.15 5.80
C ALA A 206 7.56 -24.58 5.45
N ARG A 207 6.65 -23.62 5.30
CA ARG A 207 5.27 -23.94 4.95
C ARG A 207 5.19 -24.54 3.55
N PRO A 208 4.35 -25.56 3.37
CA PRO A 208 4.23 -26.19 2.04
C PRO A 208 3.94 -25.23 0.89
N SER A 209 3.18 -24.17 1.16
CA SER A 209 2.86 -23.22 0.12
C SER A 209 4.11 -22.52 -0.40
N TRP A 210 4.98 -22.08 0.50
CA TRP A 210 6.19 -21.42 0.07
C TRP A 210 7.16 -22.40 -0.57
N LYS A 211 7.23 -23.62 -0.03
CA LYS A 211 8.12 -24.62 -0.61
C LYS A 211 7.73 -24.82 -2.06
N LYS A 212 6.42 -24.81 -2.33
CA LYS A 212 5.92 -24.98 -3.70
C LYS A 212 6.29 -23.80 -4.59
N VAL A 213 6.18 -22.57 -4.07
CA VAL A 213 6.55 -21.39 -4.84
C VAL A 213 8.03 -21.48 -5.25
N VAL A 214 8.88 -21.89 -4.31
CA VAL A 214 10.30 -22.02 -4.60
C VAL A 214 10.52 -23.04 -5.70
N GLU A 215 9.78 -24.15 -5.64
CA GLU A 215 9.89 -25.19 -6.66
C GLU A 215 9.46 -24.64 -8.02
N LEU A 216 8.43 -23.80 -8.04
CA LEU A 216 7.95 -23.22 -9.29
C LEU A 216 8.94 -22.20 -9.86
N GLN A 217 9.74 -21.60 -8.99
CA GLN A 217 10.72 -20.62 -9.44
C GLN A 217 11.94 -21.33 -10.01
N ALA B 1 -21.70 8.42 19.61
CA ALA B 1 -20.63 7.82 20.46
C ALA B 1 -19.50 8.82 20.67
N ALA B 2 -18.63 8.53 21.63
CA ALA B 2 -17.49 9.41 21.92
C ALA B 2 -16.62 9.48 20.66
N PRO B 3 -15.98 10.63 20.41
CA PRO B 3 -15.13 10.80 19.24
C PRO B 3 -13.88 9.91 19.25
N VAL B 4 -13.55 9.35 18.09
CA VAL B 4 -12.35 8.53 17.97
C VAL B 4 -11.22 9.54 17.87
N THR B 5 -9.97 9.08 17.92
CA THR B 5 -8.85 10.02 17.87
C THR B 5 -7.81 9.73 16.78
N VAL B 6 -7.45 10.78 16.05
CA VAL B 6 -6.41 10.69 15.02
C VAL B 6 -5.26 11.56 15.53
N TYR B 7 -4.05 11.00 15.56
CA TYR B 7 -2.88 11.72 16.07
C TYR B 7 -1.99 12.25 14.96
N GLY B 8 -1.69 13.55 15.01
CA GLY B 8 -0.82 14.13 14.00
C GLY B 8 -1.28 15.43 13.37
N PRO B 9 -0.41 16.10 12.62
CA PRO B 9 -0.71 17.37 11.94
C PRO B 9 -1.54 17.15 10.68
N MET B 10 -2.61 17.92 10.53
CA MET B 10 -3.48 17.79 9.36
C MET B 10 -2.81 18.04 8.02
N ILE B 11 -1.69 18.78 8.01
CA ILE B 11 -0.99 19.07 6.78
C ILE B 11 -0.33 17.81 6.18
N SER B 12 -0.09 16.83 7.04
CA SER B 12 0.50 15.57 6.59
C SER B 12 -0.53 14.85 5.71
N PRO B 13 -0.14 14.44 4.49
CA PRO B 13 -1.07 13.73 3.60
C PRO B 13 -1.66 12.48 4.22
N ALA B 14 -0.84 11.75 4.98
CA ALA B 14 -1.30 10.52 5.62
C ALA B 14 -2.37 10.81 6.67
N VAL B 15 -2.18 11.90 7.40
CA VAL B 15 -3.14 12.30 8.43
C VAL B 15 -4.42 12.77 7.76
N ALA B 16 -4.29 13.59 6.72
CA ALA B 16 -5.45 14.10 5.99
C ALA B 16 -6.27 12.96 5.37
N ARG B 17 -5.59 11.91 4.93
CA ARG B 17 -6.27 10.75 4.34
C ARG B 17 -7.23 10.12 5.34
N VAL B 18 -6.77 9.96 6.58
CA VAL B 18 -7.59 9.37 7.63
C VAL B 18 -8.76 10.29 7.99
N ALA B 19 -8.48 11.58 8.13
CA ALA B 19 -9.52 12.54 8.46
C ALA B 19 -10.62 12.53 7.40
N ALA B 20 -10.21 12.52 6.14
CA ALA B 20 -11.16 12.52 5.02
C ALA B 20 -12.06 11.29 5.10
N CYS B 21 -11.48 10.15 5.44
CA CYS B 21 -12.24 8.91 5.55
C CYS B 21 -13.23 8.97 6.71
N LEU B 22 -12.82 9.53 7.83
CA LEU B 22 -13.71 9.65 8.99
C LEU B 22 -14.87 10.57 8.64
N LEU B 23 -14.58 11.64 7.90
CA LEU B 23 -15.63 12.58 7.51
C LEU B 23 -16.63 11.94 6.56
N GLU B 24 -16.14 11.19 5.57
CA GLU B 24 -17.02 10.51 4.62
C GLU B 24 -17.91 9.51 5.33
N LYS B 25 -17.38 8.85 6.35
CA LYS B 25 -18.14 7.84 7.09
C LYS B 25 -18.93 8.40 8.27
N ASP B 26 -18.93 9.72 8.41
CA ASP B 26 -19.65 10.39 9.50
C ASP B 26 -19.35 9.81 10.88
N VAL B 27 -18.06 9.57 11.14
CA VAL B 27 -17.62 9.05 12.43
C VAL B 27 -17.02 10.22 13.21
N PRO B 28 -17.65 10.61 14.33
CA PRO B 28 -17.13 11.73 15.13
C PRO B 28 -15.69 11.50 15.54
N PHE B 29 -14.84 12.51 15.35
CA PHE B 29 -13.44 12.37 15.71
C PHE B 29 -12.80 13.68 16.14
N GLN B 30 -11.67 13.55 16.83
CA GLN B 30 -10.90 14.70 17.30
C GLN B 30 -9.47 14.48 16.84
N VAL B 31 -8.79 15.56 16.46
CA VAL B 31 -7.41 15.46 16.01
C VAL B 31 -6.48 15.88 17.14
N GLU B 32 -5.65 14.94 17.59
CA GLU B 32 -4.72 15.22 18.67
C GLU B 32 -3.38 15.63 18.09
N PRO B 33 -2.94 16.86 18.37
CA PRO B 33 -1.65 17.32 17.85
C PRO B 33 -0.47 16.54 18.42
N VAL B 34 0.56 16.37 17.59
CA VAL B 34 1.77 15.66 17.98
C VAL B 34 2.93 16.61 17.66
N ASP B 35 3.64 17.04 18.69
CA ASP B 35 4.75 17.97 18.50
C ASP B 35 5.97 17.28 17.91
N MET B 36 6.04 17.24 16.59
CA MET B 36 7.13 16.60 15.89
C MET B 36 8.46 17.36 16.01
N SER B 37 8.40 18.65 16.33
CA SER B 37 9.63 19.43 16.48
C SER B 37 10.34 19.01 17.76
N LYS B 38 9.57 18.49 18.72
CA LYS B 38 10.13 18.03 19.99
C LYS B 38 10.32 16.51 19.95
N GLY B 39 10.07 15.92 18.79
CA GLY B 39 10.24 14.48 18.63
C GLY B 39 9.21 13.63 19.35
N GLU B 40 8.03 14.19 19.61
CA GLU B 40 6.99 13.44 20.30
C GLU B 40 6.61 12.15 19.57
N HIS B 41 6.64 12.18 18.24
CA HIS B 41 6.28 11.01 17.46
C HIS B 41 7.30 9.87 17.58
N LYS B 42 8.43 10.14 18.25
CA LYS B 42 9.47 9.14 18.43
C LYS B 42 9.58 8.66 19.88
N SER B 43 8.76 9.24 20.76
CA SER B 43 8.77 8.89 22.17
C SER B 43 8.21 7.49 22.42
N PRO B 44 8.69 6.81 23.49
CA PRO B 44 8.22 5.47 23.82
C PRO B 44 6.70 5.37 23.92
N SER B 45 6.07 6.43 24.41
CA SER B 45 4.62 6.47 24.55
C SER B 45 3.94 6.44 23.19
N PHE B 46 4.46 7.22 22.24
CA PHE B 46 3.86 7.26 20.92
C PHE B 46 4.12 5.96 20.14
N LEU B 47 5.28 5.36 20.37
CA LEU B 47 5.63 4.12 19.68
C LEU B 47 4.70 2.95 20.01
N LYS B 48 3.98 3.07 21.12
CA LYS B 48 3.04 2.02 21.51
C LYS B 48 1.81 2.09 20.59
N LEU B 49 1.59 3.26 20.00
CA LEU B 49 0.46 3.49 19.09
C LEU B 49 0.91 3.34 17.64
N GLN B 50 2.13 3.79 17.36
CA GLN B 50 2.68 3.74 16.02
C GLN B 50 4.14 3.26 16.15
N PRO B 51 4.38 1.95 15.95
CA PRO B 51 5.69 1.31 16.05
C PRO B 51 6.83 1.91 15.23
N PHE B 52 6.48 2.59 14.14
CA PHE B 52 7.47 3.19 13.25
C PHE B 52 7.81 4.63 13.58
N GLY B 53 7.17 5.16 14.63
CA GLY B 53 7.43 6.53 15.00
C GLY B 53 7.03 7.50 13.90
N GLN B 54 5.86 7.28 13.31
CA GLN B 54 5.34 8.13 12.25
C GLN B 54 3.87 8.48 12.51
N VAL B 55 3.38 9.51 11.84
CA VAL B 55 1.98 9.92 11.97
C VAL B 55 1.27 9.56 10.67
N PRO B 56 -0.05 9.31 10.73
CA PRO B 56 -0.91 9.35 11.91
C PRO B 56 -0.95 8.07 12.71
N ALA B 57 -1.52 8.18 13.90
CA ALA B 57 -1.75 7.06 14.80
C ALA B 57 -3.27 7.15 14.92
N PHE B 58 -3.93 6.03 15.21
CA PHE B 58 -5.39 6.03 15.32
C PHE B 58 -5.88 5.17 16.48
N LYS B 59 -6.89 5.65 17.18
CA LYS B 59 -7.45 4.92 18.30
C LYS B 59 -8.94 5.18 18.46
N ASP B 60 -9.72 4.11 18.66
CA ASP B 60 -11.15 4.24 18.88
C ASP B 60 -11.48 3.43 20.14
N SER B 61 -12.75 3.15 20.38
CA SER B 61 -13.14 2.43 21.59
C SER B 61 -12.76 0.95 21.64
N LEU B 62 -12.40 0.39 20.49
CA LEU B 62 -12.07 -1.03 20.45
C LEU B 62 -10.61 -1.39 20.22
N THR B 63 -9.87 -0.51 19.55
CA THR B 63 -8.48 -0.85 19.25
C THR B 63 -7.69 0.36 18.75
N THR B 64 -6.43 0.13 18.41
CA THR B 64 -5.56 1.16 17.86
C THR B 64 -5.08 0.56 16.54
N VAL B 65 -4.91 1.41 15.52
CA VAL B 65 -4.44 0.94 14.22
C VAL B 65 -3.43 1.94 13.66
N PHE B 66 -2.45 1.47 12.89
CA PHE B 66 -1.49 2.36 12.26
C PHE B 66 -1.43 2.08 10.76
N GLU B 67 -0.84 3.02 10.02
CA GLU B 67 -0.75 2.99 8.54
C GLU B 67 -2.08 3.53 8.01
N SER B 68 -2.02 4.73 7.44
CA SER B 68 -3.22 5.39 6.93
C SER B 68 -4.20 4.56 6.13
N ARG B 69 -3.71 3.72 5.23
CA ARG B 69 -4.62 2.91 4.42
C ARG B 69 -5.26 1.75 5.19
N ALA B 70 -4.57 1.25 6.22
CA ALA B 70 -5.11 0.18 7.04
C ALA B 70 -6.18 0.82 7.94
N ILE B 71 -5.87 2.01 8.43
CA ILE B 71 -6.81 2.74 9.29
C ILE B 71 -8.08 3.00 8.50
N CYS B 72 -7.95 3.44 7.25
CA CYS B 72 -9.11 3.71 6.40
C CYS B 72 -9.94 2.46 6.17
N ARG B 73 -9.30 1.33 5.90
CA ARG B 73 -10.04 0.10 5.68
C ARG B 73 -10.80 -0.30 6.94
N TYR B 74 -10.17 -0.09 8.09
CA TYR B 74 -10.80 -0.41 9.37
C TYR B 74 -12.04 0.44 9.57
N ILE B 75 -11.91 1.74 9.35
CA ILE B 75 -13.04 2.66 9.51
C ILE B 75 -14.21 2.26 8.61
N CYS B 76 -13.92 1.99 7.34
CA CYS B 76 -14.97 1.62 6.40
C CYS B 76 -15.72 0.34 6.74
N ASP B 77 -15.03 -0.64 7.33
CA ASP B 77 -15.71 -1.88 7.66
C ASP B 77 -16.34 -1.88 9.05
N GLN B 78 -15.69 -1.23 10.00
CA GLN B 78 -16.20 -1.16 11.36
C GLN B 78 -17.43 -0.27 11.46
N TYR B 79 -17.43 0.81 10.69
CA TYR B 79 -18.52 1.77 10.68
C TYR B 79 -19.22 1.80 9.32
N ALA B 80 -19.35 0.61 8.71
CA ALA B 80 -19.96 0.47 7.39
C ALA B 80 -21.33 1.14 7.23
N ASP B 81 -22.19 1.01 8.22
CA ASP B 81 -23.53 1.60 8.14
C ASP B 81 -23.61 3.10 8.39
N SER B 82 -22.48 3.73 8.69
CA SER B 82 -22.47 5.16 8.96
C SER B 82 -22.08 5.99 7.73
N GLY B 83 -22.51 7.25 7.71
CA GLY B 83 -22.20 8.16 6.62
C GLY B 83 -22.38 7.59 5.23
N ASN B 84 -21.36 7.75 4.40
CA ASN B 84 -21.37 7.25 3.01
C ASN B 84 -21.28 5.73 3.08
N LYS B 85 -22.41 5.05 2.89
CA LYS B 85 -22.46 3.60 2.96
C LYS B 85 -21.80 2.84 1.81
N THR B 86 -21.45 3.56 0.75
CA THR B 86 -20.82 2.90 -0.40
C THR B 86 -19.36 3.25 -0.61
N LEU B 87 -18.73 3.85 0.41
CA LEU B 87 -17.33 4.23 0.30
C LEU B 87 -16.43 3.05 -0.10
N MET B 88 -16.76 1.85 0.35
CA MET B 88 -15.96 0.69 -0.03
C MET B 88 -16.75 -0.21 -0.97
N GLY B 89 -17.67 0.40 -1.71
CA GLY B 89 -18.47 -0.35 -2.67
C GLY B 89 -19.90 -0.64 -2.24
N ARG B 90 -20.74 -0.93 -3.23
CA ARG B 90 -22.14 -1.26 -2.98
C ARG B 90 -22.25 -2.70 -2.54
N LYS B 91 -23.02 -2.94 -1.49
CA LYS B 91 -23.21 -4.29 -0.97
C LYS B 91 -23.60 -5.25 -2.09
N GLU B 92 -24.44 -4.77 -3.00
CA GLU B 92 -24.92 -5.56 -4.12
C GLU B 92 -23.80 -6.10 -5.02
N ASP B 93 -22.69 -5.37 -5.10
CA ASP B 93 -21.58 -5.79 -5.94
C ASP B 93 -20.61 -6.75 -5.24
N GLY B 94 -20.84 -6.98 -3.95
CA GLY B 94 -20.01 -7.89 -3.18
C GLY B 94 -18.50 -7.76 -3.30
N VAL B 95 -17.81 -8.90 -3.22
CA VAL B 95 -16.36 -8.94 -3.30
C VAL B 95 -15.79 -8.48 -4.63
N VAL B 96 -16.52 -8.72 -5.71
CA VAL B 96 -16.06 -8.30 -7.03
C VAL B 96 -16.03 -6.78 -7.07
N GLY B 97 -17.01 -6.16 -6.42
CA GLY B 97 -17.08 -4.71 -6.37
C GLY B 97 -15.94 -4.14 -5.55
N ARG B 98 -15.60 -4.82 -4.45
CA ARG B 98 -14.51 -4.35 -3.59
C ARG B 98 -13.18 -4.42 -4.33
N ALA B 99 -12.99 -5.47 -5.11
CA ALA B 99 -11.74 -5.63 -5.86
C ALA B 99 -11.54 -4.49 -6.87
N ALA B 100 -12.65 -4.03 -7.46
CA ALA B 100 -12.60 -2.94 -8.43
C ALA B 100 -12.10 -1.66 -7.78
N ILE B 101 -12.25 -1.57 -6.46
CA ILE B 101 -11.80 -0.42 -5.69
C ILE B 101 -10.37 -0.64 -5.19
N GLU B 102 -10.13 -1.82 -4.63
CA GLU B 102 -8.81 -2.17 -4.11
C GLU B 102 -7.64 -2.04 -5.07
N LYS B 103 -7.85 -2.42 -6.34
CA LYS B 103 -6.77 -2.34 -7.30
C LYS B 103 -6.26 -0.91 -7.47
N TRP B 104 -7.15 0.07 -7.37
CA TRP B 104 -6.73 1.45 -7.51
C TRP B 104 -6.19 2.02 -6.21
N ILE B 105 -6.60 1.44 -5.09
CA ILE B 105 -6.05 1.89 -3.80
C ILE B 105 -4.59 1.46 -3.84
N GLU B 106 -4.35 0.28 -4.40
CA GLU B 106 -2.99 -0.22 -4.51
C GLU B 106 -2.18 0.61 -5.50
N ALA B 107 -2.82 1.04 -6.58
CA ALA B 107 -2.13 1.86 -7.57
C ALA B 107 -1.69 3.15 -6.88
N GLU B 108 -2.53 3.67 -6.01
CA GLU B 108 -2.18 4.90 -5.28
C GLU B 108 -0.96 4.69 -4.38
N GLY B 109 -1.01 3.64 -3.57
CA GLY B 109 0.09 3.38 -2.66
C GLY B 109 1.38 2.91 -3.27
N GLN B 110 1.29 2.25 -4.43
CA GLN B 110 2.49 1.72 -5.07
C GLN B 110 3.04 2.51 -6.25
N SER B 111 2.17 3.16 -7.02
CA SER B 111 2.63 3.90 -8.20
C SER B 111 2.53 5.42 -8.11
N PHE B 112 1.39 5.89 -7.63
CA PHE B 112 1.13 7.32 -7.50
C PHE B 112 1.83 8.02 -6.32
N ASN B 113 1.73 7.43 -5.14
CA ASN B 113 2.30 8.06 -3.95
C ASN B 113 3.79 8.37 -3.92
N PRO B 114 4.65 7.41 -4.27
CA PRO B 114 6.08 7.69 -4.24
C PRO B 114 6.56 8.96 -4.96
N PRO B 115 6.32 9.07 -6.28
CA PRO B 115 6.77 10.26 -7.00
C PRO B 115 6.02 11.55 -6.64
N SER B 116 4.72 11.45 -6.39
CA SER B 116 3.97 12.66 -6.04
C SER B 116 4.41 13.17 -4.65
N LEU B 117 4.67 12.26 -3.73
CA LEU B 117 5.10 12.67 -2.38
C LEU B 117 6.50 13.28 -2.42
N ALA B 118 7.39 12.71 -3.24
CA ALA B 118 8.74 13.22 -3.36
C ALA B 118 8.68 14.65 -3.88
N MET B 119 7.84 14.87 -4.89
CA MET B 119 7.66 16.20 -5.47
C MET B 119 7.10 17.17 -4.45
N ALA B 120 6.04 16.75 -3.75
CA ALA B 120 5.41 17.59 -2.74
C ALA B 120 6.40 18.01 -1.65
N PHE B 121 7.22 17.07 -1.18
CA PHE B 121 8.18 17.39 -0.14
C PHE B 121 9.17 18.46 -0.61
N GLN B 122 9.75 18.25 -1.79
CA GLN B 122 10.72 19.18 -2.35
C GLN B 122 10.16 20.59 -2.63
N LEU B 123 8.93 20.63 -3.13
CA LEU B 123 8.32 21.91 -3.51
C LEU B 123 7.43 22.60 -2.48
N ALA B 124 6.69 21.80 -1.70
CA ALA B 124 5.76 22.37 -0.73
C ALA B 124 6.21 22.39 0.73
N PHE B 125 7.14 21.51 1.09
CA PHE B 125 7.60 21.46 2.48
C PHE B 125 9.02 21.97 2.70
N ALA B 126 9.96 21.50 1.87
CA ALA B 126 11.36 21.89 1.99
C ALA B 126 11.60 23.40 2.13
N PRO B 127 10.98 24.22 1.26
CA PRO B 127 11.15 25.67 1.30
C PRO B 127 10.84 26.31 2.65
N PHE B 128 10.04 25.63 3.47
CA PHE B 128 9.65 26.16 4.77
C PHE B 128 10.42 25.50 5.90
N MET B 129 11.32 24.59 5.55
CA MET B 129 12.11 23.85 6.54
C MET B 129 13.59 24.22 6.51
N GLY B 130 13.93 25.32 5.84
CA GLY B 130 15.32 25.73 5.77
C GLY B 130 16.15 24.80 4.90
N ARG B 131 15.50 24.18 3.92
CA ARG B 131 16.19 23.27 3.01
C ARG B 131 16.08 23.76 1.58
N ALA B 132 17.04 23.41 0.76
CA ALA B 132 17.02 23.81 -0.64
C ALA B 132 16.27 22.74 -1.44
N THR B 133 15.50 23.17 -2.42
CA THR B 133 14.76 22.23 -3.27
C THR B 133 15.74 21.54 -4.19
N ASP B 134 15.67 20.21 -4.24
CA ASP B 134 16.55 19.44 -5.11
C ASP B 134 15.83 19.27 -6.45
N MET B 135 16.19 20.11 -7.42
CA MET B 135 15.55 20.06 -8.74
C MET B 135 15.73 18.74 -9.47
N ALA B 136 16.82 18.03 -9.20
CA ALA B 136 17.07 16.74 -9.84
C ALA B 136 16.04 15.73 -9.36
N VAL B 137 15.73 15.78 -8.07
CA VAL B 137 14.74 14.88 -7.48
C VAL B 137 13.35 15.21 -8.02
N VAL B 138 13.06 16.50 -8.15
CA VAL B 138 11.77 16.92 -8.68
C VAL B 138 11.61 16.42 -10.10
N GLU B 139 12.58 16.71 -10.97
CA GLU B 139 12.52 16.29 -12.36
C GLU B 139 12.35 14.79 -12.54
N GLN B 140 13.17 14.00 -11.85
CA GLN B 140 13.09 12.55 -11.95
C GLN B 140 11.73 12.01 -11.54
N ASN B 141 11.19 12.54 -10.46
CA ASN B 141 9.90 12.06 -9.99
C ASN B 141 8.74 12.59 -10.82
N GLU B 142 8.89 13.76 -11.43
CA GLU B 142 7.82 14.29 -12.26
C GLU B 142 7.62 13.37 -13.46
N ALA B 143 8.72 12.86 -14.01
CA ALA B 143 8.65 11.96 -15.16
C ALA B 143 7.93 10.68 -14.78
N LYS B 144 8.23 10.17 -13.59
CA LYS B 144 7.58 8.96 -13.10
C LYS B 144 6.09 9.22 -12.87
N LEU B 145 5.78 10.38 -12.30
CA LEU B 145 4.40 10.74 -12.04
C LEU B 145 3.59 10.87 -13.33
N VAL B 146 4.16 11.53 -14.33
CA VAL B 146 3.46 11.72 -15.60
C VAL B 146 3.04 10.37 -16.21
N LYS B 147 3.89 9.35 -16.05
CA LYS B 147 3.57 8.03 -16.57
C LYS B 147 2.31 7.47 -15.90
N VAL B 148 2.21 7.68 -14.59
CA VAL B 148 1.05 7.21 -13.84
C VAL B 148 -0.18 8.02 -14.24
N LEU B 149 -0.02 9.33 -14.37
CA LEU B 149 -1.15 10.17 -14.74
C LEU B 149 -1.67 9.86 -16.15
N ASP B 150 -0.80 9.39 -17.03
CA ASP B 150 -1.22 9.03 -18.39
C ASP B 150 -2.19 7.84 -18.28
N VAL B 151 -1.88 6.92 -17.38
CA VAL B 151 -2.73 5.75 -17.18
C VAL B 151 -4.08 6.19 -16.59
N TYR B 152 -4.02 7.08 -15.61
CA TYR B 152 -5.23 7.60 -14.96
C TYR B 152 -6.10 8.41 -15.92
N GLU B 153 -5.47 9.22 -16.75
CA GLU B 153 -6.18 10.05 -17.71
C GLU B 153 -7.01 9.15 -18.64
N GLN B 154 -6.40 8.07 -19.10
CA GLN B 154 -7.10 7.14 -19.98
C GLN B 154 -8.26 6.50 -19.25
N TRP B 155 -7.99 5.99 -18.05
CA TRP B 155 -9.01 5.34 -17.25
C TRP B 155 -10.19 6.24 -16.90
N LEU B 156 -9.90 7.48 -16.50
CA LEU B 156 -10.94 8.42 -16.12
C LEU B 156 -11.70 9.00 -17.30
N GLY B 157 -11.37 8.55 -18.51
CA GLY B 157 -12.07 9.00 -19.70
C GLY B 157 -13.18 8.01 -19.98
N GLU B 158 -13.11 6.86 -19.32
CA GLU B 158 -14.10 5.80 -19.48
C GLU B 158 -14.83 5.56 -18.17
N ASN B 159 -14.38 6.23 -17.11
CA ASN B 159 -14.97 6.08 -15.78
C ASN B 159 -15.05 7.43 -15.09
N GLN B 160 -16.19 7.73 -14.48
CA GLN B 160 -16.36 9.00 -13.78
C GLN B 160 -15.43 9.06 -12.56
N TYR B 161 -15.35 7.96 -11.84
CA TYR B 161 -14.51 7.82 -10.66
C TYR B 161 -13.67 6.56 -10.89
N PHE B 162 -12.68 6.32 -10.03
CA PHE B 162 -11.82 5.15 -10.21
C PHE B 162 -12.56 3.82 -10.26
N ALA B 163 -13.61 3.69 -9.46
CA ALA B 163 -14.39 2.45 -9.42
C ALA B 163 -15.60 2.49 -10.34
N GLY B 164 -15.71 3.55 -11.13
CA GLY B 164 -16.83 3.65 -12.05
C GLY B 164 -17.76 4.82 -11.79
N ASP B 165 -19.05 4.51 -11.65
CA ASP B 165 -20.07 5.53 -11.44
C ASP B 165 -20.15 6.15 -10.06
N GLU B 166 -19.51 5.51 -9.08
CA GLU B 166 -19.56 6.06 -7.73
C GLU B 166 -18.23 6.31 -7.07
N PHE B 167 -18.19 7.38 -6.27
CA PHE B 167 -17.01 7.76 -5.52
C PHE B 167 -16.68 6.60 -4.56
N SER B 168 -15.40 6.37 -4.31
CA SER B 168 -15.00 5.30 -3.40
C SER B 168 -13.70 5.65 -2.69
N LEU B 169 -13.26 4.75 -1.81
CA LEU B 169 -12.01 4.96 -1.07
C LEU B 169 -10.87 5.07 -2.08
N ALA B 170 -11.05 4.50 -3.27
CA ALA B 170 -10.03 4.56 -4.31
C ALA B 170 -9.76 6.01 -4.71
N ASP B 171 -10.81 6.81 -4.80
CA ASP B 171 -10.65 8.22 -5.16
C ASP B 171 -10.06 8.95 -3.96
N LEU B 172 -10.64 8.69 -2.80
CA LEU B 172 -10.21 9.33 -1.57
C LEU B 172 -8.71 9.22 -1.27
N VAL B 173 -8.11 8.04 -1.41
CA VAL B 173 -6.70 7.93 -1.08
C VAL B 173 -5.76 8.78 -1.94
N HIS B 174 -6.22 9.15 -3.14
CA HIS B 174 -5.43 9.98 -4.05
C HIS B 174 -5.52 11.47 -3.75
N MET B 175 -6.55 11.87 -3.02
CA MET B 175 -6.78 13.28 -2.75
C MET B 175 -5.73 14.10 -2.00
N PRO B 176 -5.21 13.59 -0.88
CA PRO B 176 -4.21 14.37 -0.14
C PRO B 176 -3.02 14.86 -0.97
N ASN B 177 -2.37 13.95 -1.71
CA ASN B 177 -1.21 14.34 -2.52
C ASN B 177 -1.59 15.21 -3.72
N THR B 178 -2.76 14.96 -4.30
CA THR B 178 -3.20 15.77 -5.44
C THR B 178 -3.43 17.20 -4.97
N ASP B 179 -4.06 17.34 -3.81
CA ASP B 179 -4.34 18.67 -3.25
C ASP B 179 -3.03 19.43 -3.02
N LEU B 180 -2.03 18.74 -2.48
CA LEU B 180 -0.73 19.35 -2.21
C LEU B 180 -0.10 19.90 -3.48
N LEU B 181 -0.09 19.09 -4.54
CA LEU B 181 0.51 19.53 -5.78
C LEU B 181 -0.29 20.64 -6.46
N VAL B 182 -1.62 20.50 -6.45
CA VAL B 182 -2.49 21.49 -7.09
C VAL B 182 -2.51 22.84 -6.38
N ARG B 183 -2.55 22.84 -5.06
CA ARG B 183 -2.64 24.09 -4.30
C ARG B 183 -1.34 24.66 -3.74
N LYS B 184 -0.31 23.84 -3.56
CA LYS B 184 0.93 24.33 -2.97
C LYS B 184 2.18 24.30 -3.83
N THR B 185 2.03 24.05 -5.13
CA THR B 185 3.17 24.02 -6.04
C THR B 185 2.74 24.56 -7.39
N ASN B 186 3.70 24.74 -8.29
CA ASN B 186 3.38 25.24 -9.61
C ASN B 186 3.24 24.07 -10.59
N LYS B 187 2.96 22.89 -10.04
CA LYS B 187 2.79 21.69 -10.86
C LYS B 187 1.32 21.31 -11.00
N ALA B 188 0.43 22.22 -10.59
CA ALA B 188 -1.00 21.99 -10.68
C ALA B 188 -1.45 21.52 -12.06
N GLY B 189 -0.83 22.08 -13.10
CA GLY B 189 -1.19 21.74 -14.46
C GLY B 189 -1.12 20.27 -14.82
N LEU B 190 -0.32 19.51 -14.09
CA LEU B 190 -0.21 18.08 -14.36
C LEU B 190 -1.59 17.45 -14.24
N PHE B 191 -2.41 18.04 -13.39
CA PHE B 191 -3.77 17.56 -13.16
C PHE B 191 -4.81 18.42 -13.86
N THR B 192 -4.78 19.72 -13.59
CA THR B 192 -5.77 20.63 -14.14
C THR B 192 -5.76 20.89 -15.64
N GLU B 193 -4.68 20.53 -16.32
CA GLU B 193 -4.61 20.74 -17.76
C GLU B 193 -4.86 19.46 -18.54
N ARG B 194 -5.22 18.40 -17.84
CA ARG B 194 -5.53 17.13 -18.49
C ARG B 194 -7.04 16.95 -18.30
N LYS B 195 -7.75 16.99 -19.41
CA LYS B 195 -9.21 16.89 -19.43
C LYS B 195 -9.89 16.01 -18.38
N ASN B 196 -9.60 14.71 -18.41
CA ASN B 196 -10.25 13.80 -17.48
C ASN B 196 -9.83 13.96 -16.02
N LEU B 197 -8.54 14.15 -15.78
CA LEU B 197 -8.05 14.33 -14.41
C LEU B 197 -8.59 15.65 -13.85
N ALA B 198 -8.68 16.67 -14.70
CA ALA B 198 -9.20 17.97 -14.29
C ALA B 198 -10.66 17.86 -13.84
N ARG B 199 -11.44 17.09 -14.60
CA ARG B 199 -12.85 16.89 -14.28
C ARG B 199 -12.96 16.15 -12.95
N TRP B 200 -12.18 15.09 -12.81
CA TRP B 200 -12.18 14.28 -11.61
C TRP B 200 -11.81 15.11 -10.37
N TRP B 201 -10.73 15.87 -10.46
CA TRP B 201 -10.31 16.67 -9.32
C TRP B 201 -11.34 17.74 -8.96
N ASP B 202 -11.90 18.40 -9.96
CA ASP B 202 -12.89 19.44 -9.71
C ASP B 202 -14.08 18.86 -8.95
N GLU B 203 -14.47 17.64 -9.30
CA GLU B 203 -15.60 16.99 -8.66
C GLU B 203 -15.32 16.49 -7.25
N VAL B 204 -14.26 15.69 -7.08
CA VAL B 204 -13.97 15.15 -5.76
C VAL B 204 -13.54 16.19 -4.73
N SER B 205 -12.79 17.20 -5.16
CA SER B 205 -12.32 18.23 -4.24
C SER B 205 -13.45 19.11 -3.75
N ALA B 206 -14.61 19.02 -4.39
CA ALA B 206 -15.78 19.81 -4.00
C ALA B 206 -16.62 19.09 -2.95
N ARG B 207 -16.34 17.81 -2.69
CA ARG B 207 -17.11 17.07 -1.69
C ARG B 207 -16.93 17.72 -0.32
N PRO B 208 -17.98 17.73 0.50
CA PRO B 208 -17.90 18.34 1.84
C PRO B 208 -16.81 17.77 2.73
N SER B 209 -16.48 16.49 2.55
CA SER B 209 -15.45 15.86 3.35
C SER B 209 -14.11 16.55 3.09
N TRP B 210 -13.76 16.72 1.82
CA TRP B 210 -12.49 17.37 1.51
C TRP B 210 -12.50 18.85 1.87
N LYS B 211 -13.63 19.51 1.67
CA LYS B 211 -13.71 20.93 2.02
C LYS B 211 -13.39 21.10 3.50
N LYS B 212 -13.89 20.19 4.32
CA LYS B 212 -13.62 20.26 5.75
C LYS B 212 -12.15 19.98 6.04
N VAL B 213 -11.55 19.02 5.33
CA VAL B 213 -10.14 18.71 5.54
C VAL B 213 -9.30 19.97 5.28
N VAL B 214 -9.60 20.67 4.20
CA VAL B 214 -8.87 21.89 3.86
C VAL B 214 -9.00 22.91 4.99
N GLU B 215 -10.20 23.02 5.55
CA GLU B 215 -10.43 23.95 6.65
C GLU B 215 -9.59 23.55 7.86
N LEU B 216 -9.51 22.26 8.12
CA LEU B 216 -8.72 21.76 9.24
C LEU B 216 -7.23 22.00 9.04
N GLN B 217 -6.80 22.10 7.79
CA GLN B 217 -5.40 22.33 7.49
C GLN B 217 -4.99 23.79 7.62
N ASN B 218 -5.96 24.67 7.86
CA ASN B 218 -5.65 26.08 8.02
C ASN B 218 -5.15 26.39 9.43
N VAL B 219 -4.27 25.52 9.91
CA VAL B 219 -3.67 25.65 11.23
C VAL B 219 -2.16 25.70 11.02
N PRO B 220 -1.44 26.43 11.88
CA PRO B 220 0.01 26.49 11.68
C PRO B 220 0.65 25.09 11.70
N ARG B 221 1.62 24.87 10.83
CA ARG B 221 2.28 23.56 10.77
C ARG B 221 3.76 23.68 11.14
#